data_9CB9
#
_entry.id   9CB9
#
loop_
_entity.id
_entity.type
_entity.pdbx_description
1 polymer 'Structural protein'
2 polymer 'Structural protein'
#
loop_
_entity_poly.entity_id
_entity_poly.type
_entity_poly.pdbx_seq_one_letter_code
_entity_poly.pdbx_strand_id
1 'polypeptide(L)'
;MAEYQDKVVDVEVSLGTQPIDTVGFETPMFLAMHGNFPERIRFYVSTAGMVADGFAVGSPAYQFATNAFAGNFAPQRVAI
GRMSIDSSKVDFTGTTNTEQVVVNITLNKVVKAVKINVLPGNTPAQIATALADAVTADADLTGKATAVATGTYVTVTAVS
PNVVSVGKGAGVYKIVNESSETVATVLPSVIAENHNWYFLATEARSDADIVAAAEFAKANYKLHIYNSTDVDAYAPENSA
ASVFDTLKSLSYDSLGTSDAGADVDFTEGSVIGAMAANDPSYGDSLHLKTMPGMVPFAGSDTQRSNAWSRNANIYRGLYG
GGSYIEGKTSSGQYVDVIRFSHWVKFRMEESVFAYMKRRSDMGLSMKMSDEDLPVLKSVLMNNPINIGIRNGGILTGYDT
ENKVSYDPTIIIPKRANIPTNDLAARILRDVKVELVYNNSLHYVKIRASVVLDRPAGQSTNAQTPMSSSAVGV
;
A
2 'polypeptide(L)'
;MLNQSKILTLQAYDPAKVLVFIGGQRVSGFAADTKIVITRNNDNISVHAGVDGEISNALSRDNTGVMTLSLQNTAKWNGY
LAQWQRQANVTGLIYLPVQVEGSQGLSLNTIGWIQKQPDLSYGTEVGQMDWEIGVLDAWLSPDQIQGIAAGITGLLGLDQ
;
B
#
# COMPACT_ATOMS: atom_id res chain seq x y z
N GLU A 3 36.54 2.71 22.44
CA GLU A 3 36.86 1.42 23.12
C GLU A 3 37.03 1.61 24.62
N TYR A 4 37.76 2.66 25.00
CA TYR A 4 37.97 2.96 26.40
C TYR A 4 36.96 3.99 26.89
N GLN A 5 36.28 3.67 27.99
CA GLN A 5 35.32 4.58 28.61
C GLN A 5 35.87 5.05 29.94
N ASP A 6 35.96 6.37 30.10
CA ASP A 6 36.54 6.93 31.32
C ASP A 6 35.54 7.01 32.47
N LYS A 7 34.25 6.89 32.19
CA LYS A 7 33.22 6.99 33.21
C LYS A 7 32.35 5.74 33.19
N VAL A 8 32.02 5.23 34.38
CA VAL A 8 31.11 4.11 34.48
C VAL A 8 29.73 4.46 33.93
N VAL A 9 29.27 5.68 34.17
CA VAL A 9 27.99 6.15 33.67
C VAL A 9 28.18 7.52 33.06
N ASP A 10 27.64 7.72 31.86
CA ASP A 10 27.77 8.99 31.16
C ASP A 10 26.40 9.39 30.62
N VAL A 11 26.18 10.71 30.57
CA VAL A 11 24.90 11.25 30.13
C VAL A 11 25.13 12.41 29.18
N GLU A 12 24.51 12.36 28.00
CA GLU A 12 24.55 13.47 27.07
C GLU A 12 23.24 14.24 27.17
N VAL A 13 23.33 15.49 27.64
CA VAL A 13 22.13 16.31 27.88
C VAL A 13 21.90 17.13 26.61
N SER A 14 20.92 16.71 25.82
CA SER A 14 20.54 17.42 24.61
C SER A 14 19.38 18.34 24.93
N LEU A 15 19.59 19.65 24.75
CA LEU A 15 18.58 20.64 25.12
C LEU A 15 17.59 20.83 23.99
N GLY A 16 16.31 20.54 24.26
CA GLY A 16 15.25 20.83 23.33
C GLY A 16 14.93 19.73 22.34
N THR A 17 15.95 19.15 21.73
CA THR A 17 15.73 18.16 20.68
C THR A 17 15.15 16.87 21.26
N GLN A 18 14.47 16.12 20.39
CA GLN A 18 13.86 14.85 20.77
C GLN A 18 14.09 13.84 19.64
N PRO A 19 14.14 12.55 19.98
CA PRO A 19 14.25 11.53 18.93
C PRO A 19 12.89 11.11 18.39
N ILE A 20 12.93 10.37 17.30
CA ILE A 20 11.72 9.84 16.66
C ILE A 20 11.95 8.37 16.34
N ASP A 21 10.88 7.59 16.43
CA ASP A 21 10.96 6.15 16.23
C ASP A 21 11.19 5.82 14.76
N THR A 22 11.57 4.57 14.50
CA THR A 22 11.84 4.09 13.15
C THR A 22 10.56 3.48 12.59
N VAL A 23 10.12 4.01 11.45
CA VAL A 23 8.88 3.55 10.83
C VAL A 23 9.19 2.86 9.50
N GLY A 24 8.28 2.00 9.07
CA GLY A 24 8.38 1.38 7.75
C GLY A 24 7.61 2.22 6.74
N PHE A 25 8.18 2.34 5.55
CA PHE A 25 7.63 3.28 4.57
C PHE A 25 8.19 2.94 3.19
N GLU A 26 7.68 3.65 2.18
CA GLU A 26 8.19 3.55 0.84
C GLU A 26 8.95 4.83 0.50
N THR A 27 10.20 4.70 0.10
CA THR A 27 11.04 5.86 -0.17
C THR A 27 10.65 6.49 -1.51
N PRO A 28 10.30 7.77 -1.54
CA PRO A 28 10.04 8.43 -2.82
C PRO A 28 11.31 8.79 -3.56
N MET A 29 11.16 9.03 -4.85
CA MET A 29 12.28 9.42 -5.71
C MET A 29 11.92 10.70 -6.43
N PHE A 30 12.83 11.68 -6.38
CA PHE A 30 12.65 12.97 -7.04
C PHE A 30 13.77 13.14 -8.04
N LEU A 31 13.42 13.15 -9.33
CA LEU A 31 14.41 13.24 -10.39
C LEU A 31 14.76 14.70 -10.63
N ALA A 32 15.80 15.17 -9.96
CA ALA A 32 16.26 16.55 -10.09
C ALA A 32 17.48 16.61 -11.00
N MET A 33 17.75 17.79 -11.52
CA MET A 33 18.87 18.03 -12.43
C MET A 33 19.89 18.91 -11.73
N HIS A 34 21.12 18.41 -11.63
CA HIS A 34 22.20 19.10 -10.93
C HIS A 34 23.48 18.28 -11.13
N GLY A 35 24.57 18.76 -10.54
CA GLY A 35 25.85 18.10 -10.60
C GLY A 35 26.57 17.99 -9.27
N ASN A 36 25.86 17.98 -8.15
CA ASN A 36 26.49 17.99 -6.85
C ASN A 36 27.22 16.69 -6.51
N PHE A 37 26.83 15.56 -7.10
CA PHE A 37 27.49 14.29 -6.84
C PHE A 37 27.47 13.48 -8.12
N PRO A 38 28.39 12.50 -8.25
CA PRO A 38 28.46 11.73 -9.50
C PRO A 38 27.39 10.64 -9.61
N GLU A 39 27.00 10.06 -8.49
CA GLU A 39 26.06 8.94 -8.54
C GLU A 39 24.73 9.37 -9.15
N ARG A 40 24.04 8.39 -9.73
CA ARG A 40 22.74 8.67 -10.34
C ARG A 40 21.65 8.87 -9.29
N ILE A 41 21.78 8.25 -8.11
CA ILE A 41 20.74 8.32 -7.09
C ILE A 41 21.36 8.19 -5.71
N ARG A 42 20.93 9.02 -4.78
CA ARG A 42 21.40 9.00 -3.40
C ARG A 42 20.23 9.08 -2.44
N PHE A 43 20.44 8.59 -1.22
CA PHE A 43 19.42 8.57 -0.19
C PHE A 43 19.82 9.52 0.93
N TYR A 44 18.91 10.41 1.30
CA TYR A 44 19.12 11.36 2.39
C TYR A 44 18.08 11.13 3.47
N VAL A 45 18.43 11.48 4.71
CA VAL A 45 17.51 11.32 5.84
C VAL A 45 17.08 12.65 6.43
N SER A 46 17.68 13.76 6.00
CA SER A 46 17.28 15.07 6.50
C SER A 46 17.81 16.13 5.56
N THR A 47 17.17 17.29 5.59
CA THR A 47 17.61 18.40 4.75
C THR A 47 19.01 18.86 5.12
N ALA A 48 19.43 18.64 6.37
CA ALA A 48 20.77 19.03 6.78
C ALA A 48 21.82 18.32 5.93
N GLY A 49 21.66 17.02 5.72
CA GLY A 49 22.58 16.31 4.85
C GLY A 49 22.57 16.80 3.42
N MET A 50 21.40 17.17 2.89
CA MET A 50 21.34 17.69 1.53
C MET A 50 22.08 19.02 1.42
N VAL A 51 21.88 19.93 2.37
CA VAL A 51 22.59 21.20 2.30
C VAL A 51 24.08 20.98 2.49
N ALA A 52 24.47 20.00 3.33
CA ALA A 52 25.88 19.69 3.50
C ALA A 52 26.51 19.18 2.22
N ASP A 53 25.72 18.72 1.26
CA ASP A 53 26.22 18.26 -0.02
C ASP A 53 26.24 19.35 -1.07
N GLY A 54 26.08 20.61 -0.68
CA GLY A 54 26.16 21.71 -1.61
C GLY A 54 24.84 22.14 -2.20
N PHE A 55 23.73 21.60 -1.73
CA PHE A 55 22.42 22.02 -2.21
C PHE A 55 22.07 23.39 -1.63
N ALA A 56 21.64 24.30 -2.49
CA ALA A 56 21.30 25.65 -2.05
C ALA A 56 19.92 25.68 -1.41
N VAL A 57 19.80 26.43 -0.32
CA VAL A 57 18.52 26.56 0.36
C VAL A 57 17.50 27.15 -0.61
N GLY A 58 16.30 26.56 -0.61
CA GLY A 58 15.28 27.00 -1.54
C GLY A 58 15.35 26.37 -2.90
N SER A 59 16.33 25.51 -3.16
CA SER A 59 16.43 24.83 -4.43
C SER A 59 15.32 23.79 -4.56
N PRO A 60 15.00 23.37 -5.79
CA PRO A 60 13.89 22.42 -5.96
C PRO A 60 13.98 21.19 -5.07
N ALA A 61 15.13 20.51 -5.06
CA ALA A 61 15.27 19.32 -4.23
C ALA A 61 15.07 19.63 -2.77
N TYR A 62 15.64 20.75 -2.30
CA TYR A 62 15.47 21.13 -0.90
C TYR A 62 14.01 21.38 -0.56
N GLN A 63 13.28 22.09 -1.44
CA GLN A 63 11.87 22.33 -1.20
C GLN A 63 11.09 21.03 -1.14
N PHE A 64 11.36 20.13 -2.09
CA PHE A 64 10.65 18.86 -2.11
C PHE A 64 10.91 18.07 -0.83
N ALA A 65 12.17 18.02 -0.40
CA ALA A 65 12.50 17.27 0.80
C ALA A 65 11.84 17.86 2.04
N THR A 66 11.93 19.19 2.20
CA THR A 66 11.36 19.81 3.38
C THR A 66 9.84 19.68 3.38
N ASN A 67 9.21 19.63 2.21
CA ASN A 67 7.76 19.40 2.17
C ASN A 67 7.44 17.95 2.51
N ALA A 68 8.24 17.00 2.02
CA ALA A 68 7.98 15.59 2.27
C ALA A 68 8.13 15.24 3.73
N PHE A 69 9.14 15.80 4.41
CA PHE A 69 9.38 15.43 5.80
C PHE A 69 8.38 16.04 6.77
N ALA A 70 7.47 16.89 6.31
CA ALA A 70 6.54 17.57 7.20
C ALA A 70 5.16 16.92 7.26
N GLY A 71 4.94 15.81 6.57
CA GLY A 71 3.65 15.19 6.57
C GLY A 71 3.39 14.34 7.80
N ASN A 72 2.11 14.02 8.01
CA ASN A 72 1.73 13.12 9.10
C ASN A 72 2.18 11.70 8.87
N PHE A 73 2.44 11.32 7.62
CA PHE A 73 2.90 9.99 7.26
C PHE A 73 4.24 10.06 6.54
N ALA A 74 5.05 11.05 6.87
CA ALA A 74 6.25 11.32 6.10
C ALA A 74 7.23 10.15 6.22
N PRO A 75 7.98 9.85 5.16
CA PRO A 75 9.02 8.81 5.27
C PRO A 75 10.28 9.36 5.93
N GLN A 76 11.21 8.45 6.19
CA GLN A 76 12.47 8.80 6.84
C GLN A 76 13.66 8.73 5.89
N ARG A 77 13.44 8.41 4.62
CA ARG A 77 14.46 8.55 3.60
C ARG A 77 13.86 9.14 2.34
N VAL A 78 14.68 9.86 1.58
CA VAL A 78 14.26 10.46 0.32
C VAL A 78 15.34 10.19 -0.71
N ALA A 79 14.93 9.76 -1.90
CA ALA A 79 15.87 9.46 -2.98
C ALA A 79 15.89 10.63 -3.95
N ILE A 80 17.10 11.11 -4.27
CA ILE A 80 17.29 12.24 -5.17
C ILE A 80 17.99 11.73 -6.42
N GLY A 81 17.33 11.86 -7.56
CA GLY A 81 17.96 11.52 -8.82
C GLY A 81 18.87 12.62 -9.31
N ARG A 82 19.55 12.36 -10.41
CA ARG A 82 20.49 13.32 -10.99
C ARG A 82 20.41 13.28 -12.50
N MET A 83 20.32 14.46 -13.11
CA MET A 83 20.40 14.63 -14.55
C MET A 83 21.54 15.59 -14.87
N SER A 84 21.82 15.76 -16.16
CA SER A 84 22.77 16.77 -16.58
C SER A 84 22.17 18.15 -16.37
N ILE A 85 23.03 19.16 -16.32
CA ILE A 85 22.57 20.54 -16.18
C ILE A 85 23.36 21.43 -17.11
N ASP A 86 22.65 22.24 -17.90
CA ASP A 86 23.28 23.19 -18.81
C ASP A 86 23.36 24.60 -18.24
N SER A 87 22.28 25.07 -17.62
CA SER A 87 22.22 26.40 -17.05
C SER A 87 21.01 26.48 -16.14
N SER A 88 20.69 27.69 -15.68
CA SER A 88 19.51 27.91 -14.86
C SER A 88 18.99 29.31 -15.13
N LYS A 89 17.71 29.50 -14.85
CA LYS A 89 17.03 30.76 -15.11
C LYS A 89 16.39 31.29 -13.83
N VAL A 90 16.32 32.61 -13.72
CA VAL A 90 15.64 33.29 -12.62
C VAL A 90 14.70 34.29 -13.28
N ASP A 91 13.46 33.88 -13.52
CA ASP A 91 12.49 34.69 -14.26
C ASP A 91 11.75 35.59 -13.29
N PHE A 92 11.76 36.89 -13.56
CA PHE A 92 11.08 37.88 -12.75
C PHE A 92 9.76 38.33 -13.36
N THR A 93 9.23 37.61 -14.34
CA THR A 93 7.95 37.97 -14.93
C THR A 93 6.89 38.07 -13.83
N GLY A 94 6.15 39.17 -13.85
CA GLY A 94 5.19 39.47 -12.80
C GLY A 94 5.46 40.83 -12.19
N THR A 95 5.44 40.87 -10.85
CA THR A 95 5.73 42.10 -10.12
C THR A 95 6.37 41.76 -8.79
N THR A 96 7.05 42.74 -8.21
CA THR A 96 7.69 42.54 -6.91
C THR A 96 7.92 43.87 -6.21
N GLU A 99 9.33 44.15 -1.80
CA GLU A 99 10.15 45.17 -2.44
C GLU A 99 11.59 44.68 -2.59
N GLN A 100 12.05 43.87 -1.64
CA GLN A 100 13.41 43.37 -1.61
C GLN A 100 13.47 42.00 -2.24
N VAL A 101 14.42 41.82 -3.16
CA VAL A 101 14.63 40.53 -3.80
C VAL A 101 15.92 39.92 -3.27
N VAL A 102 15.84 38.68 -2.80
CA VAL A 102 17.00 37.94 -2.29
C VAL A 102 17.05 36.61 -3.02
N VAL A 103 18.23 36.27 -3.55
CA VAL A 103 18.45 35.03 -4.26
C VAL A 103 19.63 34.32 -3.60
N ASN A 104 19.39 33.12 -3.09
CA ASN A 104 20.45 32.32 -2.50
C ASN A 104 21.16 31.52 -3.58
N ILE A 105 22.46 31.75 -3.72
CA ILE A 105 23.26 31.05 -4.71
C ILE A 105 24.50 30.50 -4.03
N THR A 106 24.78 29.22 -4.26
CA THR A 106 25.96 28.55 -3.73
C THR A 106 26.80 28.07 -4.89
N LEU A 107 28.10 28.37 -4.86
CA LEU A 107 29.01 28.04 -5.95
C LEU A 107 30.24 27.35 -5.37
N ASN A 108 30.38 26.07 -5.66
CA ASN A 108 31.56 25.29 -5.28
C ASN A 108 31.85 25.43 -3.79
N LYS A 109 30.82 25.12 -3.00
CA LYS A 109 30.92 25.16 -1.55
C LYS A 109 30.94 26.58 -1.02
N VAL A 110 30.87 27.56 -1.91
CA VAL A 110 30.82 28.97 -1.50
C VAL A 110 29.37 29.43 -1.52
N VAL A 111 28.92 29.96 -0.39
CA VAL A 111 27.53 30.35 -0.20
C VAL A 111 27.45 31.87 -0.15
N LYS A 112 26.55 32.44 -0.96
CA LYS A 112 26.35 33.87 -1.00
C LYS A 112 24.88 34.15 -1.27
N ALA A 113 24.44 35.36 -0.89
CA ALA A 113 23.05 35.77 -1.03
C ALA A 113 23.01 37.14 -1.71
N VAL A 114 22.97 37.13 -3.04
CA VAL A 114 22.87 38.37 -3.80
C VAL A 114 21.58 39.07 -3.42
N LYS A 115 21.57 40.39 -3.58
CA LYS A 115 20.44 41.21 -3.17
C LYS A 115 20.14 42.25 -4.23
N ILE A 116 18.88 42.68 -4.28
CA ILE A 116 18.44 43.68 -5.24
C ILE A 116 17.25 44.40 -4.64
N ASN A 117 16.93 45.57 -5.17
CA ASN A 117 15.81 46.37 -4.66
C ASN A 117 15.00 46.96 -5.81
N THR A 123 9.56 47.56 -12.53
CA THR A 123 9.45 46.78 -13.75
C THR A 123 10.40 45.59 -13.74
N PRO A 124 9.94 44.41 -14.17
CA PRO A 124 10.78 43.22 -14.05
C PRO A 124 12.10 43.31 -14.81
N ALA A 125 12.12 43.96 -15.98
CA ALA A 125 13.35 44.02 -16.75
C ALA A 125 14.45 44.77 -15.99
N GLN A 126 14.10 45.89 -15.37
CA GLN A 126 15.06 46.63 -14.56
C GLN A 126 15.57 45.82 -13.38
N ILE A 127 14.70 45.08 -12.70
CA ILE A 127 15.14 44.24 -11.60
C ILE A 127 16.09 43.16 -12.09
N ALA A 128 15.78 42.54 -13.23
CA ALA A 128 16.64 41.51 -13.77
C ALA A 128 18.01 42.07 -14.12
N THR A 129 18.05 43.23 -14.78
CA THR A 129 19.32 43.83 -15.14
C THR A 129 20.14 44.19 -13.90
N ALA A 130 19.48 44.75 -12.88
CA ALA A 130 20.17 45.08 -11.64
C ALA A 130 20.73 43.83 -10.98
N LEU A 131 19.95 42.76 -10.93
CA LEU A 131 20.43 41.52 -10.34
C LEU A 131 21.63 40.97 -11.11
N ALA A 132 21.56 40.99 -12.45
CA ALA A 132 22.67 40.50 -13.25
C ALA A 132 23.93 41.31 -12.98
N ASP A 133 23.80 42.63 -12.90
CA ASP A 133 24.96 43.47 -12.59
C ASP A 133 25.50 43.16 -11.21
N ALA A 134 24.62 42.95 -10.23
CA ALA A 134 25.06 42.64 -8.88
C ALA A 134 25.80 41.31 -8.84
N VAL A 135 25.35 40.32 -9.60
CA VAL A 135 26.02 39.02 -9.61
C VAL A 135 27.46 39.19 -10.09
N THR A 136 27.67 39.93 -11.17
CA THR A 136 29.01 40.16 -11.67
C THR A 136 29.87 40.95 -10.70
N ALA A 137 29.25 41.70 -9.79
CA ALA A 137 30.03 42.45 -8.81
C ALA A 137 30.81 41.52 -7.89
N ASP A 138 30.25 40.37 -7.54
CA ASP A 138 30.90 39.40 -6.67
C ASP A 138 32.02 38.73 -7.46
N ALA A 139 33.27 39.07 -7.13
CA ALA A 139 34.40 38.53 -7.86
C ALA A 139 34.41 37.01 -7.82
N ASP A 140 34.06 36.42 -6.67
CA ASP A 140 34.04 34.96 -6.58
C ASP A 140 33.04 34.37 -7.56
N LEU A 141 31.86 34.97 -7.68
CA LEU A 141 30.87 34.48 -8.64
C LEU A 141 31.38 34.61 -10.07
N THR A 142 32.00 35.73 -10.42
CA THR A 142 32.51 35.91 -11.78
C THR A 142 33.60 34.90 -12.11
N GLY A 143 34.53 34.67 -11.19
CA GLY A 143 35.61 33.74 -11.47
C GLY A 143 35.11 32.32 -11.69
N LYS A 144 34.10 31.92 -10.93
CA LYS A 144 33.64 30.53 -10.98
C LYS A 144 32.29 30.40 -11.66
N ALA A 145 31.52 31.48 -11.77
CA ALA A 145 30.18 31.42 -12.33
C ALA A 145 30.00 32.57 -13.31
N THR A 146 28.85 32.59 -13.96
CA THR A 146 28.55 33.60 -14.97
C THR A 146 27.09 34.01 -14.84
N ALA A 147 26.79 35.23 -15.27
CA ALA A 147 25.44 35.75 -15.24
C ALA A 147 25.23 36.70 -16.42
N VAL A 148 24.04 36.65 -17.00
CA VAL A 148 23.66 37.51 -18.12
C VAL A 148 22.18 37.84 -18.00
N ALA A 149 21.84 39.07 -18.38
CA ALA A 149 20.46 39.52 -18.33
C ALA A 149 19.82 39.47 -19.71
N THR A 150 18.52 39.20 -19.72
CA THR A 150 17.76 39.19 -20.98
C THR A 150 16.29 39.28 -20.63
N GLY A 151 15.62 40.30 -21.13
CA GLY A 151 14.19 40.45 -20.87
C GLY A 151 13.92 40.50 -19.37
N THR A 152 13.01 39.64 -18.91
CA THR A 152 12.63 39.61 -17.51
C THR A 152 13.34 38.53 -16.71
N TYR A 153 14.29 37.81 -17.31
CA TYR A 153 14.96 36.70 -16.63
C TYR A 153 16.46 36.84 -16.75
N VAL A 154 17.16 36.36 -15.73
CA VAL A 154 18.61 36.36 -15.68
C VAL A 154 19.10 34.93 -15.81
N THR A 155 19.98 34.68 -16.77
CA THR A 155 20.53 33.35 -17.02
C THR A 155 21.91 33.26 -16.39
N VAL A 156 22.12 32.24 -15.55
CA VAL A 156 23.38 32.04 -14.87
C VAL A 156 23.93 30.66 -15.25
N THR A 157 25.23 30.62 -15.51
CA THR A 157 25.90 29.39 -15.88
C THR A 157 27.21 29.27 -15.11
N ALA A 158 27.52 28.06 -14.68
CA ALA A 158 28.74 27.81 -13.93
C ALA A 158 29.90 27.51 -14.87
N VAL A 159 31.08 27.99 -14.49
CA VAL A 159 32.30 27.61 -15.21
C VAL A 159 32.53 26.12 -15.02
N SER A 160 33.07 25.47 -16.05
CA SER A 160 33.02 24.01 -16.14
C SER A 160 33.46 23.28 -14.88
N PRO A 161 34.59 23.61 -14.24
CA PRO A 161 35.02 22.82 -13.08
C PRO A 161 34.34 23.22 -11.78
N ASN A 162 33.25 23.98 -11.86
CA ASN A 162 32.57 24.49 -10.68
C ASN A 162 31.10 24.08 -10.70
N VAL A 163 30.56 23.85 -9.51
CA VAL A 163 29.15 23.49 -9.34
C VAL A 163 28.43 24.66 -8.69
N VAL A 164 27.33 25.10 -9.31
CA VAL A 164 26.54 26.22 -8.83
C VAL A 164 25.13 25.74 -8.51
N SER A 165 24.63 26.15 -7.36
CA SER A 165 23.26 25.85 -6.96
C SER A 165 22.55 27.16 -6.62
N VAL A 166 21.37 27.36 -7.17
CA VAL A 166 20.61 28.58 -6.99
C VAL A 166 19.25 28.24 -6.40
N GLY A 167 18.85 28.98 -5.37
CA GLY A 167 17.60 28.70 -4.68
C GLY A 167 16.89 29.97 -4.28
N LYS A 168 15.60 29.82 -3.99
CA LYS A 168 14.76 30.97 -3.66
C LYS A 168 15.17 31.56 -2.32
N GLY A 169 15.15 32.89 -2.25
CA GLY A 169 15.33 33.65 -1.03
C GLY A 169 14.03 34.32 -0.65
N ALA A 170 13.89 35.60 -0.98
CA ALA A 170 12.66 36.35 -0.75
C ALA A 170 12.24 37.02 -2.05
N GLY A 171 10.94 37.31 -2.16
CA GLY A 171 10.40 37.93 -3.34
C GLY A 171 9.65 36.95 -4.22
N VAL A 172 9.21 37.44 -5.37
CA VAL A 172 8.40 36.67 -6.31
C VAL A 172 9.22 36.48 -7.59
N TYR A 173 9.45 35.22 -7.96
CA TYR A 173 10.14 34.87 -9.19
C TYR A 173 10.15 33.36 -9.33
N LYS A 174 10.57 32.90 -10.49
CA LYS A 174 10.70 31.48 -10.76
C LYS A 174 12.17 31.06 -10.80
N ILE A 175 12.39 29.77 -10.61
CA ILE A 175 13.70 29.16 -10.81
C ILE A 175 13.52 27.94 -11.70
N VAL A 176 14.08 28.00 -12.90
CA VAL A 176 13.92 26.95 -13.90
C VAL A 176 15.30 26.48 -14.34
N ASN A 177 15.53 25.18 -14.26
CA ASN A 177 16.79 24.59 -14.71
C ASN A 177 16.59 23.85 -16.03
N GLU A 178 17.54 24.02 -16.94
CA GLU A 178 17.48 23.42 -18.26
C GLU A 178 18.55 22.35 -18.37
N SER A 179 18.21 21.26 -19.07
CA SER A 179 19.13 20.14 -19.21
C SER A 179 18.87 19.46 -20.54
N SER A 180 19.95 19.00 -21.19
CA SER A 180 19.83 18.30 -22.46
C SER A 180 19.33 16.87 -22.27
N GLU A 181 19.67 16.21 -21.18
CA GLU A 181 19.25 14.84 -20.95
C GLU A 181 17.74 14.75 -20.91
N THR A 182 17.19 13.74 -21.58
CA THR A 182 15.76 13.51 -21.57
C THR A 182 15.40 12.50 -20.48
N VAL A 183 14.19 12.66 -19.92
CA VAL A 183 13.76 11.78 -18.85
C VAL A 183 13.71 10.33 -19.33
N ALA A 184 13.21 10.13 -20.56
CA ALA A 184 13.08 8.77 -21.08
C ALA A 184 14.43 8.07 -21.14
N THR A 185 15.49 8.81 -21.48
CA THR A 185 16.82 8.21 -21.54
C THR A 185 17.43 8.01 -20.15
N VAL A 186 17.08 8.86 -19.19
CA VAL A 186 17.72 8.80 -17.89
C VAL A 186 17.10 7.73 -17.01
N LEU A 187 15.77 7.65 -16.99
CA LEU A 187 15.11 6.72 -16.07
C LEU A 187 15.59 5.28 -16.22
N PRO A 188 15.78 4.74 -17.42
CA PRO A 188 16.29 3.36 -17.52
C PRO A 188 17.63 3.17 -16.84
N SER A 189 18.49 4.19 -16.83
CA SER A 189 19.75 4.08 -16.11
C SER A 189 19.55 4.24 -14.62
N VAL A 190 18.63 5.10 -14.20
CA VAL A 190 18.40 5.32 -12.77
C VAL A 190 17.87 4.03 -12.13
N ILE A 191 16.92 3.37 -12.79
CA ILE A 191 16.34 2.15 -12.22
C ILE A 191 17.39 1.08 -12.07
N ALA A 192 18.42 1.08 -12.92
CA ALA A 192 19.46 0.07 -12.84
C ALA A 192 20.27 0.16 -11.55
N GLU A 193 20.55 1.38 -11.09
CA GLU A 193 21.36 1.53 -9.87
C GLU A 193 20.60 1.06 -8.64
N ASN A 194 19.33 1.43 -8.50
CA ASN A 194 18.51 1.01 -7.38
C ASN A 194 17.06 0.93 -7.81
N HIS A 195 16.43 -0.20 -7.55
CA HIS A 195 14.99 -0.36 -7.73
C HIS A 195 14.22 -0.20 -6.43
N ASN A 196 14.89 0.20 -5.34
CA ASN A 196 14.27 0.27 -4.04
C ASN A 196 13.58 1.61 -3.80
N TRP A 197 12.56 1.92 -4.60
CA TRP A 197 11.73 3.10 -4.37
C TRP A 197 10.40 2.89 -5.06
N TYR A 198 9.39 3.62 -4.60
CA TYR A 198 8.02 3.37 -5.06
C TYR A 198 7.43 4.57 -5.77
N PHE A 199 7.50 5.75 -5.16
CA PHE A 199 6.93 6.94 -5.77
C PHE A 199 7.90 7.53 -6.80
N LEU A 200 7.34 8.14 -7.84
CA LEU A 200 8.11 8.76 -8.90
C LEU A 200 7.69 10.21 -9.05
N ALA A 201 8.68 11.11 -9.08
CA ALA A 201 8.44 12.53 -9.27
C ALA A 201 9.52 13.09 -10.18
N THR A 202 9.19 14.15 -10.90
CA THR A 202 10.10 14.76 -11.86
C THR A 202 10.14 16.26 -11.65
N GLU A 203 11.32 16.84 -11.88
CA GLU A 203 11.47 18.29 -11.77
C GLU A 203 10.99 18.99 -13.04
N ALA A 204 11.44 18.50 -14.20
CA ALA A 204 10.98 19.05 -15.46
C ALA A 204 9.48 18.92 -15.58
N ARG A 205 8.83 20.00 -16.02
CA ARG A 205 7.37 20.03 -16.11
C ARG A 205 6.88 20.27 -17.54
N SER A 206 7.66 19.88 -18.54
CA SER A 206 7.19 19.89 -19.91
C SER A 206 6.23 18.72 -20.13
N ASP A 207 5.35 18.86 -21.13
CA ASP A 207 4.37 17.82 -21.40
C ASP A 207 5.05 16.51 -21.76
N ALA A 208 6.08 16.57 -22.59
CA ALA A 208 6.76 15.36 -23.03
C ALA A 208 7.39 14.60 -21.86
N ASP A 209 8.02 15.33 -20.94
CA ASP A 209 8.63 14.66 -19.79
C ASP A 209 7.58 13.96 -18.94
N ILE A 210 6.45 14.62 -18.71
CA ILE A 210 5.40 14.03 -17.89
C ILE A 210 4.85 12.78 -18.58
N VAL A 211 4.63 12.86 -19.89
CA VAL A 211 4.10 11.70 -20.61
C VAL A 211 5.10 10.55 -20.56
N ALA A 212 6.39 10.85 -20.72
CA ALA A 212 7.40 9.80 -20.65
C ALA A 212 7.44 9.16 -19.27
N ALA A 213 7.36 9.96 -18.22
CA ALA A 213 7.36 9.41 -16.87
C ALA A 213 6.14 8.54 -16.65
N ALA A 214 4.98 8.98 -17.13
CA ALA A 214 3.77 8.18 -16.98
C ALA A 214 3.87 6.86 -17.72
N GLU A 215 4.42 6.87 -18.94
CA GLU A 215 4.60 5.62 -19.67
C GLU A 215 5.57 4.69 -18.95
N PHE A 216 6.66 5.25 -18.42
CA PHE A 216 7.65 4.43 -17.73
C PHE A 216 7.06 3.79 -16.46
N ALA A 217 6.28 4.57 -15.70
CA ALA A 217 5.77 4.07 -14.43
C ALA A 217 4.85 2.88 -14.63
N LYS A 218 3.97 2.93 -15.61
CA LYS A 218 3.08 1.80 -15.86
C LYS A 218 3.85 0.54 -16.20
N ALA A 219 4.95 0.65 -16.92
CA ALA A 219 5.74 -0.51 -17.32
C ALA A 219 6.54 -1.07 -16.15
N ASN A 220 7.05 -0.21 -15.27
CA ASN A 220 7.92 -0.64 -14.20
C ASN A 220 7.23 -0.65 -12.83
N TYR A 221 5.90 -0.61 -12.80
CA TYR A 221 5.13 -0.75 -11.57
C TYR A 221 5.58 0.26 -10.50
N LYS A 222 5.36 1.52 -10.84
CA LYS A 222 5.61 2.64 -9.94
C LYS A 222 4.41 3.56 -9.96
N LEU A 223 4.30 4.41 -8.95
CA LEU A 223 3.22 5.37 -8.82
C LEU A 223 3.75 6.75 -9.19
N HIS A 224 3.08 7.43 -10.12
CA HIS A 224 3.52 8.70 -10.64
C HIS A 224 2.69 9.83 -10.05
N ILE A 225 3.35 10.92 -9.67
CA ILE A 225 2.70 12.09 -9.09
C ILE A 225 3.23 13.32 -9.82
N TYR A 226 2.35 14.29 -10.08
CA TYR A 226 2.75 15.53 -10.74
C TYR A 226 1.78 16.64 -10.40
N ASN A 227 2.33 17.83 -10.17
CA ASN A 227 1.54 19.04 -9.99
C ASN A 227 1.74 19.91 -11.22
N SER A 228 0.64 20.41 -11.80
CA SER A 228 0.66 20.97 -13.13
C SER A 228 0.81 22.48 -13.17
N THR A 229 0.34 23.20 -12.15
CA THR A 229 0.36 24.66 -12.07
C THR A 229 -0.22 25.32 -13.32
N ASP A 230 -0.97 24.59 -14.13
CA ASP A 230 -1.54 25.14 -15.35
C ASP A 230 -2.89 25.79 -15.06
N VAL A 231 -3.26 26.75 -15.90
CA VAL A 231 -4.52 27.46 -15.76
C VAL A 231 -5.62 26.84 -16.62
N ASP A 232 -5.27 26.14 -17.70
CA ASP A 232 -6.29 25.46 -18.50
C ASP A 232 -6.87 24.27 -17.76
N ALA A 233 -6.27 23.90 -16.63
CA ALA A 233 -6.73 22.72 -15.89
C ALA A 233 -8.20 22.81 -15.51
N TYR A 234 -8.73 24.02 -15.31
CA TYR A 234 -10.15 24.20 -14.99
C TYR A 234 -10.86 25.02 -16.06
N ALA A 235 -10.41 24.93 -17.30
CA ALA A 235 -11.11 25.58 -18.39
C ALA A 235 -12.40 24.83 -18.70
N PRO A 236 -13.33 25.45 -19.41
CA PRO A 236 -14.60 24.78 -19.73
C PRO A 236 -14.36 23.39 -20.29
N GLU A 237 -15.33 22.50 -20.05
CA GLU A 237 -15.15 21.09 -20.36
C GLU A 237 -14.79 20.84 -21.81
N ASN A 238 -15.24 21.69 -22.74
CA ASN A 238 -14.96 21.46 -24.15
C ASN A 238 -13.50 21.69 -24.50
N SER A 239 -12.76 22.44 -23.69
CA SER A 239 -11.37 22.79 -23.98
C SER A 239 -10.45 21.64 -23.56
N ALA A 240 -10.34 20.65 -24.44
CA ALA A 240 -9.48 19.49 -24.21
C ALA A 240 -8.09 19.82 -24.74
N ALA A 241 -7.37 20.66 -23.98
CA ALA A 241 -6.05 21.09 -24.41
C ALA A 241 -5.00 21.05 -23.31
N SER A 242 -5.32 20.59 -22.11
CA SER A 242 -4.36 20.54 -21.01
C SER A 242 -3.75 19.15 -20.91
N VAL A 243 -2.66 19.07 -20.11
CA VAL A 243 -1.98 17.78 -19.93
C VAL A 243 -2.92 16.78 -19.26
N PHE A 244 -3.78 17.26 -18.36
CA PHE A 244 -4.73 16.36 -17.71
C PHE A 244 -5.59 15.64 -18.74
N ASP A 245 -6.12 16.37 -19.72
CA ASP A 245 -6.90 15.75 -20.76
C ASP A 245 -6.02 14.89 -21.67
N THR A 246 -4.76 15.27 -21.82
CA THR A 246 -3.85 14.47 -22.64
C THR A 246 -3.69 13.07 -22.06
N LEU A 247 -3.52 12.98 -20.74
CA LEU A 247 -3.32 11.68 -20.11
C LEU A 247 -4.57 10.82 -20.16
N LYS A 248 -5.76 11.44 -20.08
CA LYS A 248 -6.99 10.65 -20.14
C LYS A 248 -7.07 9.85 -21.43
N SER A 249 -6.73 10.47 -22.56
CA SER A 249 -6.83 9.78 -23.84
C SER A 249 -5.97 8.53 -23.87
N LEU A 250 -4.85 8.52 -23.15
CA LEU A 250 -3.94 7.38 -23.14
C LEU A 250 -4.29 6.36 -22.06
N SER A 251 -5.30 6.64 -21.23
CA SER A 251 -5.75 5.70 -20.20
C SER A 251 -4.65 5.41 -19.19
N TYR A 252 -3.73 6.36 -19.00
CA TYR A 252 -2.66 6.19 -18.05
C TYR A 252 -3.16 6.49 -16.64
N ASP A 253 -2.38 6.05 -15.65
CA ASP A 253 -2.68 6.27 -14.25
C ASP A 253 -1.61 7.16 -13.63
N SER A 254 -2.03 8.28 -13.06
CA SER A 254 -1.11 9.21 -12.41
C SER A 254 -1.92 10.20 -11.58
N LEU A 255 -1.54 10.35 -10.33
CA LEU A 255 -2.25 11.24 -9.41
C LEU A 255 -1.82 12.67 -9.69
N GLY A 256 -2.57 13.38 -10.52
CA GLY A 256 -2.27 14.75 -10.88
C GLY A 256 -3.24 15.70 -10.22
N THR A 257 -2.75 16.86 -9.80
CA THR A 257 -3.57 17.87 -9.16
C THR A 257 -3.08 19.26 -9.55
N SER A 258 -4.02 20.19 -9.70
CA SER A 258 -3.70 21.57 -10.00
C SER A 258 -3.34 22.32 -8.72
N ASP A 259 -2.51 23.34 -8.87
CA ASP A 259 -2.04 24.11 -7.72
C ASP A 259 -1.45 25.41 -8.26
N ALA A 260 -1.11 26.32 -7.34
CA ALA A 260 -0.49 27.58 -7.71
C ALA A 260 0.99 27.66 -7.41
N GLY A 261 1.46 27.01 -6.33
CA GLY A 261 2.87 27.01 -6.00
C GLY A 261 3.63 25.79 -6.44
N ALA A 262 3.07 25.00 -7.36
CA ALA A 262 3.69 23.74 -7.76
C ALA A 262 5.03 23.93 -8.46
N ASP A 263 5.33 25.13 -8.94
CA ASP A 263 6.60 25.36 -9.63
C ASP A 263 7.51 26.31 -8.84
N VAL A 264 7.18 26.58 -7.57
CA VAL A 264 8.03 27.37 -6.71
C VAL A 264 8.33 26.58 -5.44
N ASP A 265 7.52 25.54 -5.19
CA ASP A 265 7.71 24.71 -4.01
C ASP A 265 7.71 23.23 -4.32
N PHE A 266 7.18 22.81 -5.47
CA PHE A 266 7.14 21.40 -5.83
C PHE A 266 6.39 20.60 -4.75
N THR A 267 5.09 20.88 -4.65
CA THR A 267 4.28 20.40 -3.54
C THR A 267 4.03 18.90 -3.57
N GLU A 268 4.68 18.17 -4.48
CA GLU A 268 4.56 16.72 -4.48
C GLU A 268 5.00 16.16 -3.12
N GLY A 269 5.88 16.87 -2.43
CA GLY A 269 6.34 16.42 -1.13
C GLY A 269 5.21 16.29 -0.14
N SER A 270 4.28 17.24 -0.13
CA SER A 270 3.16 17.16 0.80
C SER A 270 2.31 15.92 0.54
N VAL A 271 2.00 15.66 -0.73
CA VAL A 271 1.20 14.48 -1.06
C VAL A 271 1.93 13.21 -0.64
N ILE A 272 3.23 13.13 -0.94
CA ILE A 272 3.98 11.94 -0.57
C ILE A 272 4.01 11.77 0.95
N GLY A 273 4.17 12.87 1.69
CA GLY A 273 4.16 12.79 3.13
C GLY A 273 2.82 12.41 3.71
N ALA A 274 1.74 12.71 3.00
CA ALA A 274 0.42 12.24 3.37
C ALA A 274 0.10 10.86 2.81
N MET A 275 1.03 10.27 2.05
CA MET A 275 0.82 8.93 1.50
C MET A 275 1.91 7.92 1.86
N ALA A 276 3.10 8.34 2.27
CA ALA A 276 4.22 7.40 2.35
C ALA A 276 3.99 6.31 3.37
N ALA A 277 3.66 6.67 4.61
CA ALA A 277 3.59 5.72 5.71
C ALA A 277 2.17 5.23 5.96
N ASN A 278 1.33 5.20 4.94
CA ASN A 278 -0.05 4.73 5.05
C ASN A 278 -0.10 3.31 4.51
N ASP A 279 -0.49 2.37 5.36
CA ASP A 279 -0.52 0.97 4.96
C ASP A 279 -1.73 0.71 4.07
N PRO A 280 -1.55 0.21 2.84
CA PRO A 280 -2.72 -0.01 1.98
C PRO A 280 -3.70 -1.03 2.52
N SER A 281 -3.29 -1.88 3.45
CA SER A 281 -4.17 -2.94 3.94
C SER A 281 -5.45 -2.41 4.57
N TYR A 282 -5.46 -1.17 5.05
CA TYR A 282 -6.66 -0.59 5.63
C TYR A 282 -7.60 0.00 4.59
N GLY A 283 -7.15 0.17 3.37
CA GLY A 283 -7.97 0.84 2.38
C GLY A 283 -8.28 2.27 2.77
N ASP A 284 -7.29 3.00 3.28
CA ASP A 284 -7.52 4.33 3.82
C ASP A 284 -7.37 5.38 2.72
N SER A 285 -8.50 5.78 2.13
CA SER A 285 -8.48 6.73 1.02
C SER A 285 -7.90 8.07 1.46
N LEU A 286 -7.62 8.92 0.47
CA LEU A 286 -7.05 10.23 0.71
C LEU A 286 -8.08 11.34 0.78
N HIS A 287 -9.36 11.00 0.88
CA HIS A 287 -10.43 11.97 0.66
C HIS A 287 -10.20 13.28 1.41
N LEU A 288 -10.08 13.23 2.73
CA LEU A 288 -10.05 14.44 3.54
C LEU A 288 -8.73 14.65 4.28
N LYS A 289 -7.65 14.01 3.83
CA LYS A 289 -6.39 14.14 4.54
C LYS A 289 -5.82 15.54 4.40
N THR A 290 -5.42 16.13 5.53
CA THR A 290 -4.81 17.44 5.54
C THR A 290 -3.34 17.34 5.17
N MET A 291 -2.85 18.32 4.41
CA MET A 291 -1.47 18.33 3.95
C MET A 291 -0.87 19.71 4.20
N PRO A 292 0.21 19.82 4.98
CA PRO A 292 0.89 21.11 5.13
C PRO A 292 1.58 21.52 3.83
N GLY A 293 1.68 22.83 3.65
CA GLY A 293 2.41 23.37 2.52
C GLY A 293 1.52 23.82 1.38
N MET A 294 0.48 23.05 1.08
CA MET A 294 -0.40 23.38 -0.03
C MET A 294 -1.24 24.61 0.32
N VAL A 295 -1.76 25.26 -0.71
CA VAL A 295 -2.57 26.47 -0.57
C VAL A 295 -3.96 26.16 -1.10
N PRO A 296 -5.02 26.67 -0.47
CA PRO A 296 -6.38 26.34 -0.92
C PRO A 296 -6.64 26.80 -2.34
N PHE A 297 -7.45 26.02 -3.06
CA PHE A 297 -7.88 26.37 -4.40
C PHE A 297 -8.87 27.53 -4.33
N ALA A 298 -8.69 28.53 -5.21
CA ALA A 298 -9.42 29.79 -5.08
C ALA A 298 -10.53 29.96 -6.11
N GLY A 299 -10.68 29.02 -7.05
CA GLY A 299 -11.68 29.19 -8.08
C GLY A 299 -13.09 29.05 -7.55
N SER A 300 -14.07 29.39 -8.39
CA SER A 300 -15.46 29.31 -8.00
C SER A 300 -16.04 27.94 -8.33
N ASP A 301 -17.36 27.82 -8.19
CA ASP A 301 -18.01 26.52 -8.32
C ASP A 301 -17.84 25.93 -9.72
N THR A 302 -18.03 26.75 -10.76
CA THR A 302 -17.92 26.23 -12.12
C THR A 302 -16.50 25.74 -12.40
N GLN A 303 -15.50 26.46 -11.91
CA GLN A 303 -14.12 26.02 -12.11
C GLN A 303 -13.88 24.69 -11.42
N ARG A 304 -14.42 24.52 -10.22
CA ARG A 304 -14.28 23.23 -9.53
C ARG A 304 -14.96 22.12 -10.31
N SER A 305 -16.14 22.38 -10.85
CA SER A 305 -16.82 21.36 -11.64
C SER A 305 -15.99 20.98 -12.86
N ASN A 306 -15.40 21.97 -13.54
CA ASN A 306 -14.55 21.66 -14.69
C ASN A 306 -13.35 20.81 -14.27
N ALA A 307 -12.70 21.20 -13.17
CA ALA A 307 -11.54 20.46 -12.70
C ALA A 307 -11.91 19.01 -12.38
N TRP A 308 -13.05 18.82 -11.73
CA TRP A 308 -13.50 17.45 -11.44
C TRP A 308 -13.76 16.68 -12.73
N SER A 309 -14.37 17.34 -13.71
CA SER A 309 -14.63 16.66 -14.98
C SER A 309 -13.33 16.26 -15.67
N ARG A 310 -12.25 17.00 -15.45
CA ARG A 310 -10.96 16.66 -16.05
C ARG A 310 -10.10 15.78 -15.15
N ASN A 311 -10.61 15.35 -14.00
CA ASN A 311 -9.87 14.52 -13.05
C ASN A 311 -8.65 15.23 -12.48
N ALA A 312 -8.70 16.55 -12.34
CA ALA A 312 -7.62 17.30 -11.70
C ALA A 312 -8.03 17.58 -10.26
N ASN A 313 -7.39 16.87 -9.32
CA ASN A 313 -7.73 17.05 -7.91
C ASN A 313 -7.37 18.46 -7.45
N ILE A 314 -8.10 18.95 -6.47
CA ILE A 314 -7.96 20.31 -5.97
C ILE A 314 -7.92 20.28 -4.44
N TYR A 315 -7.04 21.08 -3.86
CA TYR A 315 -7.00 21.27 -2.42
C TYR A 315 -7.95 22.39 -2.02
N ARG A 316 -8.88 22.10 -1.13
CA ARG A 316 -9.93 23.05 -0.77
C ARG A 316 -9.92 23.27 0.74
N GLY A 317 -10.25 24.50 1.14
CA GLY A 317 -10.34 24.83 2.55
C GLY A 317 -11.78 24.89 3.01
N LEU A 318 -12.09 24.18 4.09
CA LEU A 318 -13.44 24.10 4.62
C LEU A 318 -13.43 24.22 6.13
N TYR A 319 -14.31 25.07 6.65
CA TYR A 319 -14.48 25.21 8.10
C TYR A 319 -13.15 25.51 8.78
N GLY A 320 -12.31 26.32 8.13
CA GLY A 320 -11.06 26.75 8.71
C GLY A 320 -9.86 25.89 8.39
N GLY A 321 -10.06 24.65 7.97
CA GLY A 321 -8.95 23.78 7.63
C GLY A 321 -8.81 23.59 6.14
N GLY A 322 -7.78 22.81 5.77
CA GLY A 322 -7.53 22.44 4.39
C GLY A 322 -7.73 20.94 4.22
N SER A 323 -8.21 20.55 3.04
CA SER A 323 -8.52 19.15 2.79
C SER A 323 -8.37 18.82 1.31
N TYR A 324 -7.75 17.68 1.03
CA TYR A 324 -7.71 17.16 -0.33
C TYR A 324 -9.13 16.78 -0.71
N ILE A 325 -9.35 16.30 -1.94
CA ILE A 325 -10.71 15.94 -2.34
C ILE A 325 -10.66 14.85 -3.42
N GLU A 326 -11.35 13.75 -3.13
CA GLU A 326 -11.77 12.77 -4.13
C GLU A 326 -10.65 11.87 -4.64
N GLY A 327 -9.40 12.20 -4.32
CA GLY A 327 -8.29 11.30 -4.56
C GLY A 327 -8.29 10.56 -5.89
N LYS A 328 -8.90 11.13 -6.93
CA LYS A 328 -9.04 10.43 -8.19
C LYS A 328 -7.78 10.49 -9.03
N THR A 329 -7.59 9.49 -9.89
CA THR A 329 -6.46 9.43 -10.79
C THR A 329 -6.88 9.86 -12.20
N SER A 330 -5.92 9.82 -13.13
CA SER A 330 -6.18 10.24 -14.50
C SER A 330 -7.19 9.33 -15.19
N SER A 331 -7.07 8.02 -15.03
CA SER A 331 -7.95 7.08 -15.71
C SER A 331 -9.36 7.05 -15.11
N GLY A 332 -9.57 7.68 -13.96
CA GLY A 332 -10.85 7.68 -13.30
C GLY A 332 -10.96 6.74 -12.11
N GLN A 333 -10.04 5.79 -11.99
CA GLN A 333 -10.04 4.88 -10.86
C GLN A 333 -9.42 5.57 -9.64
N TYR A 334 -9.97 5.27 -8.47
CA TYR A 334 -9.47 5.86 -7.24
C TYR A 334 -8.06 5.35 -6.94
N VAL A 335 -7.23 6.26 -6.44
CA VAL A 335 -5.83 5.90 -6.17
C VAL A 335 -5.77 4.78 -5.13
N ASP A 336 -6.75 4.74 -4.23
CA ASP A 336 -6.76 3.72 -3.19
C ASP A 336 -6.77 2.33 -3.78
N VAL A 337 -7.60 2.12 -4.81
CA VAL A 337 -7.69 0.80 -5.44
C VAL A 337 -6.36 0.43 -6.08
N ILE A 338 -5.71 1.38 -6.76
CA ILE A 338 -4.43 1.11 -7.39
C ILE A 338 -3.40 0.71 -6.35
N ARG A 339 -3.35 1.44 -5.24
CA ARG A 339 -2.39 1.11 -4.20
C ARG A 339 -2.66 -0.28 -3.62
N PHE A 340 -3.94 -0.60 -3.41
CA PHE A 340 -4.27 -1.92 -2.87
C PHE A 340 -3.84 -3.02 -3.84
N SER A 341 -4.10 -2.82 -5.14
CA SER A 341 -3.71 -3.83 -6.11
C SER A 341 -2.20 -4.03 -6.13
N HIS A 342 -1.45 -2.93 -6.10
CA HIS A 342 0.00 -3.05 -6.07
C HIS A 342 0.47 -3.76 -4.81
N TRP A 343 -0.14 -3.44 -3.67
CA TRP A 343 0.24 -4.06 -2.41
C TRP A 343 0.03 -5.57 -2.46
N VAL A 344 -1.15 -6.00 -2.94
CA VAL A 344 -1.40 -7.43 -3.07
C VAL A 344 -0.39 -8.06 -4.01
N LYS A 345 -0.19 -7.44 -5.17
CA LYS A 345 0.69 -8.03 -6.17
C LYS A 345 2.10 -8.22 -5.62
N PHE A 346 2.62 -7.22 -4.91
CA PHE A 346 3.96 -7.35 -4.35
C PHE A 346 4.03 -8.40 -3.24
N ARG A 347 3.11 -8.33 -2.26
CA ARG A 347 3.30 -9.13 -1.06
C ARG A 347 2.90 -10.59 -1.23
N MET A 348 1.93 -10.92 -2.08
CA MET A 348 1.71 -12.33 -2.36
C MET A 348 2.97 -12.97 -2.92
N GLU A 349 3.60 -12.31 -3.89
CA GLU A 349 4.83 -12.81 -4.49
C GLU A 349 5.94 -12.93 -3.46
N GLU A 350 6.12 -11.90 -2.62
CA GLU A 350 7.20 -11.96 -1.65
C GLU A 350 6.99 -13.10 -0.65
N SER A 351 5.74 -13.29 -0.20
CA SER A 351 5.47 -14.37 0.74
C SER A 351 5.75 -15.73 0.12
N VAL A 352 5.27 -15.95 -1.12
CA VAL A 352 5.49 -17.25 -1.76
C VAL A 352 6.98 -17.49 -1.97
N PHE A 353 7.71 -16.48 -2.43
CA PHE A 353 9.14 -16.65 -2.65
C PHE A 353 9.87 -16.93 -1.35
N ALA A 354 9.50 -16.23 -0.28
CA ALA A 354 10.15 -16.46 1.00
C ALA A 354 9.89 -17.87 1.51
N TYR A 355 8.69 -18.40 1.34
CA TYR A 355 8.45 -19.79 1.74
C TYR A 355 9.26 -20.75 0.88
N MET A 356 9.27 -20.54 -0.44
CA MET A 356 9.98 -21.46 -1.32
C MET A 356 11.47 -21.48 -1.03
N LYS A 357 12.06 -20.31 -0.81
CA LYS A 357 13.50 -20.24 -0.56
C LYS A 357 13.86 -20.94 0.73
N ARG A 358 13.06 -20.72 1.78
CA ARG A 358 13.33 -21.40 3.05
C ARG A 358 13.14 -22.90 2.91
N ARG A 359 12.17 -23.34 2.12
CA ARG A 359 11.96 -24.76 1.91
C ARG A 359 13.06 -25.42 1.09
N SER A 360 13.69 -24.69 0.17
CA SER A 360 14.76 -25.25 -0.63
C SER A 360 16.15 -24.99 -0.04
N ASP A 361 16.26 -24.18 1.01
CA ASP A 361 17.54 -23.94 1.65
C ASP A 361 17.94 -25.05 2.61
N MET A 362 17.02 -25.93 2.98
CA MET A 362 17.31 -27.08 3.83
C MET A 362 17.42 -28.36 3.03
N GLY A 363 17.49 -28.28 1.70
CA GLY A 363 17.20 -29.46 0.92
C GLY A 363 15.71 -29.66 0.91
N LEU A 364 15.28 -30.80 0.37
CA LEU A 364 13.86 -31.14 0.30
C LEU A 364 13.07 -30.06 -0.44
N SER A 365 13.64 -29.52 -1.52
CA SER A 365 12.94 -28.50 -2.28
C SER A 365 11.58 -29.00 -2.72
N MET A 366 10.67 -28.06 -3.00
CA MET A 366 9.32 -28.42 -3.38
C MET A 366 9.32 -29.22 -4.67
N LYS A 367 8.37 -30.15 -4.79
CA LYS A 367 8.23 -30.99 -5.96
C LYS A 367 6.79 -30.94 -6.45
N MET A 368 6.62 -31.13 -7.76
CA MET A 368 5.31 -30.99 -8.40
C MET A 368 4.53 -32.29 -8.22
N SER A 369 3.78 -32.34 -7.12
CA SER A 369 2.94 -33.49 -6.83
C SER A 369 1.76 -33.05 -5.99
N ASP A 370 0.68 -33.83 -6.04
CA ASP A 370 -0.52 -33.48 -5.29
C ASP A 370 -0.29 -33.52 -3.79
N GLU A 371 0.77 -34.17 -3.33
CA GLU A 371 1.01 -34.31 -1.91
C GLU A 371 1.75 -33.12 -1.30
N ASP A 372 2.17 -32.16 -2.13
CA ASP A 372 2.97 -31.04 -1.61
C ASP A 372 2.43 -29.69 -2.08
N LEU A 373 1.74 -29.68 -3.21
CA LEU A 373 1.20 -28.44 -3.76
C LEU A 373 0.23 -27.76 -2.81
N PRO A 374 -0.72 -28.49 -2.21
CA PRO A 374 -1.79 -27.82 -1.44
C PRO A 374 -1.30 -26.92 -0.32
N VAL A 375 -0.06 -27.05 0.14
CA VAL A 375 0.42 -26.20 1.21
C VAL A 375 0.44 -24.73 0.79
N LEU A 376 0.43 -24.46 -0.52
CA LEU A 376 0.35 -23.09 -0.97
C LEU A 376 -0.91 -22.41 -0.46
N LYS A 377 -1.98 -23.18 -0.23
CA LYS A 377 -3.19 -22.57 0.33
C LYS A 377 -2.91 -21.92 1.68
N SER A 378 -2.29 -22.66 2.60
CA SER A 378 -1.93 -22.08 3.89
C SER A 378 -0.90 -20.97 3.73
N VAL A 379 0.07 -21.15 2.84
CA VAL A 379 1.12 -20.14 2.68
C VAL A 379 0.49 -18.81 2.26
N LEU A 380 -0.43 -18.84 1.30
CA LEU A 380 -1.09 -17.63 0.84
C LEU A 380 -2.10 -17.09 1.85
N MET A 381 -2.85 -17.97 2.53
CA MET A 381 -3.75 -17.51 3.56
C MET A 381 -3.02 -16.84 4.72
N ASN A 382 -1.74 -17.15 4.90
CA ASN A 382 -0.88 -16.35 5.75
C ASN A 382 -0.38 -15.14 4.97
N ASN A 383 0.11 -14.14 5.70
CA ASN A 383 0.50 -12.86 5.13
C ASN A 383 -0.72 -12.15 4.53
N PRO A 384 -0.78 -11.84 3.21
CA PRO A 384 -1.71 -10.78 2.79
C PRO A 384 -3.16 -11.11 3.04
N ILE A 385 -3.59 -12.33 2.67
CA ILE A 385 -5.00 -12.65 2.66
C ILE A 385 -5.61 -12.54 4.05
N ASN A 386 -4.82 -12.68 5.11
CA ASN A 386 -5.32 -12.60 6.47
C ASN A 386 -5.09 -11.24 7.11
N ILE A 387 -3.97 -10.60 6.83
CA ILE A 387 -3.74 -9.25 7.34
C ILE A 387 -4.79 -8.30 6.77
N GLY A 388 -5.14 -8.47 5.49
CA GLY A 388 -6.17 -7.65 4.91
C GLY A 388 -7.51 -7.80 5.59
N ILE A 389 -7.88 -9.02 5.98
CA ILE A 389 -9.13 -9.22 6.70
C ILE A 389 -9.05 -8.61 8.08
N ARG A 390 -7.93 -8.80 8.78
CA ARG A 390 -7.82 -8.27 10.14
C ARG A 390 -7.89 -6.75 10.15
N ASN A 391 -7.25 -6.09 9.19
CA ASN A 391 -7.23 -4.64 9.16
C ASN A 391 -8.44 -4.03 8.47
N GLY A 392 -9.35 -4.85 7.94
CA GLY A 392 -10.57 -4.35 7.35
C GLY A 392 -10.51 -4.09 5.86
N GLY A 393 -9.34 -4.22 5.23
CA GLY A 393 -9.24 -3.98 3.80
C GLY A 393 -10.00 -4.97 2.95
N ILE A 394 -10.05 -6.23 3.36
CA ILE A 394 -10.70 -7.29 2.60
C ILE A 394 -12.04 -7.58 3.25
N LEU A 395 -13.09 -7.70 2.43
CA LEU A 395 -14.43 -7.92 2.93
C LEU A 395 -14.73 -9.41 3.01
N THR A 396 -15.60 -9.76 3.96
CA THR A 396 -16.03 -11.14 4.16
C THR A 396 -17.50 -11.13 4.52
N GLY A 397 -18.11 -12.31 4.47
CA GLY A 397 -19.50 -12.45 4.83
C GLY A 397 -20.39 -12.85 3.66
N TYR A 398 -21.68 -12.92 3.95
CA TYR A 398 -22.69 -13.35 3.00
C TYR A 398 -23.47 -12.14 2.50
N ASP A 399 -23.64 -12.04 1.19
CA ASP A 399 -24.42 -10.96 0.60
C ASP A 399 -25.89 -11.35 0.59
N THR A 400 -26.74 -10.48 1.10
CA THR A 400 -28.17 -10.75 1.16
C THR A 400 -28.90 -10.40 -0.13
N GLU A 401 -28.37 -9.47 -0.92
CA GLU A 401 -29.03 -9.04 -2.15
C GLU A 401 -28.82 -10.06 -3.27
N ASN A 402 -27.56 -10.28 -3.65
CA ASN A 402 -27.26 -11.23 -4.72
C ASN A 402 -27.25 -12.67 -4.25
N LYS A 403 -27.26 -12.90 -2.93
CA LYS A 403 -27.21 -14.25 -2.38
C LYS A 403 -25.88 -14.94 -2.74
N VAL A 404 -24.79 -14.21 -2.53
CA VAL A 404 -23.44 -14.70 -2.80
C VAL A 404 -22.57 -14.39 -1.59
N SER A 405 -21.50 -15.18 -1.43
CA SER A 405 -20.57 -15.03 -0.32
C SER A 405 -19.30 -14.35 -0.79
N TYR A 406 -18.69 -13.57 0.10
CA TYR A 406 -17.46 -12.85 -0.20
C TYR A 406 -16.22 -13.56 0.32
N ASP A 407 -16.34 -14.80 0.77
CA ASP A 407 -15.20 -15.49 1.37
C ASP A 407 -14.06 -15.63 0.38
N PRO A 408 -12.82 -15.28 0.73
CA PRO A 408 -11.71 -15.47 -0.20
C PRO A 408 -11.57 -16.93 -0.60
N THR A 409 -11.16 -17.16 -1.85
CA THR A 409 -11.05 -18.49 -2.41
C THR A 409 -9.68 -18.68 -3.03
N ILE A 410 -9.17 -19.90 -2.94
CA ILE A 410 -7.89 -20.27 -3.54
C ILE A 410 -8.05 -21.63 -4.21
N ILE A 411 -7.50 -21.77 -5.41
CA ILE A 411 -7.60 -23.00 -6.19
C ILE A 411 -6.22 -23.36 -6.70
N ILE A 412 -5.89 -24.65 -6.64
CA ILE A 412 -4.60 -25.15 -7.10
C ILE A 412 -4.83 -26.32 -8.05
N PRO A 413 -4.22 -26.33 -9.23
CA PRO A 413 -4.43 -27.45 -10.15
C PRO A 413 -3.68 -28.69 -9.69
N LYS A 414 -4.15 -29.83 -10.18
CA LYS A 414 -3.55 -31.11 -9.85
C LYS A 414 -2.51 -31.51 -10.89
N ARG A 415 -1.68 -32.49 -10.53
CA ARG A 415 -0.59 -32.90 -11.42
C ARG A 415 -1.11 -33.42 -12.74
N ALA A 416 -2.19 -34.21 -12.71
CA ALA A 416 -2.73 -34.78 -13.94
C ALA A 416 -3.16 -33.73 -14.95
N ASN A 417 -3.43 -32.50 -14.51
CA ASN A 417 -3.87 -31.44 -15.41
C ASN A 417 -2.73 -30.57 -15.93
N ILE A 418 -1.50 -30.80 -15.48
CA ILE A 418 -0.37 -30.00 -15.91
C ILE A 418 0.16 -30.55 -17.23
N PRO A 419 0.27 -29.74 -18.29
CA PRO A 419 0.81 -30.24 -19.54
C PRO A 419 2.25 -30.69 -19.39
N THR A 420 2.64 -31.65 -20.23
CA THR A 420 3.99 -32.22 -20.14
C THR A 420 5.06 -31.14 -20.32
N ASN A 421 4.77 -30.11 -21.10
CA ASN A 421 5.77 -29.08 -21.37
C ASN A 421 6.19 -28.36 -20.10
N ASP A 422 5.25 -28.04 -19.23
CA ASP A 422 5.58 -27.37 -17.97
C ASP A 422 6.43 -28.23 -17.06
N LEU A 423 6.28 -29.55 -17.09
CA LEU A 423 7.15 -30.42 -16.30
C LEU A 423 8.59 -30.37 -16.78
N ALA A 424 8.82 -29.99 -18.03
CA ALA A 424 10.18 -29.74 -18.52
C ALA A 424 10.62 -28.32 -18.16
N ALA A 425 9.76 -27.33 -18.37
CA ALA A 425 10.03 -25.98 -17.94
C ALA A 425 10.03 -25.83 -16.42
N ARG A 426 9.42 -26.78 -15.71
CA ARG A 426 9.43 -26.79 -14.25
C ARG A 426 8.76 -25.55 -13.67
N ILE A 427 7.73 -25.03 -14.35
CA ILE A 427 7.00 -23.85 -13.88
C ILE A 427 5.51 -24.19 -13.83
N LEU A 428 4.88 -23.83 -12.72
CA LEU A 428 3.45 -24.07 -12.55
C LEU A 428 2.66 -22.83 -12.91
N ARG A 429 1.44 -23.05 -13.43
CA ARG A 429 0.57 -21.97 -13.85
C ARG A 429 -0.87 -22.24 -13.41
N ASP A 430 -1.71 -21.24 -13.60
CA ASP A 430 -3.16 -21.35 -13.43
C ASP A 430 -3.60 -21.29 -11.97
N VAL A 431 -2.75 -20.84 -11.06
CA VAL A 431 -3.20 -20.63 -9.69
C VAL A 431 -4.12 -19.42 -9.64
N LYS A 432 -5.27 -19.57 -9.01
CA LYS A 432 -6.31 -18.56 -9.02
C LYS A 432 -6.66 -18.13 -7.61
N VAL A 433 -6.87 -16.83 -7.42
CA VAL A 433 -7.29 -16.27 -6.14
C VAL A 433 -8.37 -15.23 -6.42
N GLU A 434 -9.26 -15.04 -5.45
CA GLU A 434 -10.33 -14.06 -5.56
C GLU A 434 -10.42 -13.26 -4.27
N LEU A 435 -10.90 -12.03 -4.40
CA LEU A 435 -10.98 -11.11 -3.26
C LEU A 435 -12.11 -10.12 -3.51
N VAL A 436 -12.58 -9.50 -2.44
CA VAL A 436 -13.58 -8.44 -2.50
C VAL A 436 -13.06 -7.26 -1.70
N TYR A 437 -12.93 -6.11 -2.35
CA TYR A 437 -12.38 -4.93 -1.70
C TYR A 437 -13.48 -4.15 -0.99
N ASN A 438 -13.12 -3.57 0.16
CA ASN A 438 -14.04 -2.76 0.93
C ASN A 438 -14.15 -1.38 0.27
N ASN A 439 -14.82 -0.44 0.93
CA ASN A 439 -14.99 0.90 0.39
C ASN A 439 -15.09 1.91 1.52
N SER A 440 -14.44 3.06 1.34
CA SER A 440 -14.60 4.16 2.27
C SER A 440 -15.87 4.94 1.94
N LEU A 441 -16.18 5.92 2.79
CA LEU A 441 -17.34 6.78 2.61
C LEU A 441 -16.85 8.16 2.19
N HIS A 442 -17.39 8.68 1.10
CA HIS A 442 -16.95 9.95 0.55
C HIS A 442 -17.96 11.07 0.74
N TYR A 443 -19.23 10.82 0.41
CA TYR A 443 -20.25 11.85 0.44
C TYR A 443 -21.46 11.36 1.21
N VAL A 444 -22.16 12.30 1.84
CA VAL A 444 -23.37 12.02 2.60
C VAL A 444 -24.39 13.09 2.32
N LYS A 445 -25.66 12.68 2.23
CA LYS A 445 -26.77 13.61 2.01
C LYS A 445 -27.84 13.33 3.04
N ILE A 446 -28.37 14.40 3.63
CA ILE A 446 -29.32 14.30 4.74
C ILE A 446 -30.62 14.99 4.34
N ARG A 447 -31.72 14.55 4.95
CA ARG A 447 -33.03 15.14 4.74
C ARG A 447 -33.63 15.45 6.10
N ALA A 448 -33.69 16.74 6.43
CA ALA A 448 -34.25 17.16 7.71
C ALA A 448 -35.70 17.62 7.53
N SER A 449 -36.37 17.85 8.66
CA SER A 449 -37.74 18.35 8.65
C SER A 449 -37.98 19.12 9.94
N VAL A 450 -38.84 20.12 9.86
CA VAL A 450 -39.18 20.97 10.99
C VAL A 450 -40.69 21.06 11.10
N VAL A 451 -41.18 21.12 12.33
CA VAL A 451 -42.61 21.22 12.61
C VAL A 451 -42.84 22.46 13.45
N LEU A 452 -43.90 23.19 13.13
CA LEU A 452 -44.25 24.42 13.83
C LEU A 452 -45.51 24.31 14.65
N ASP A 453 -46.63 23.91 14.05
CA ASP A 453 -47.87 23.74 14.78
C ASP A 453 -47.88 22.36 15.46
N ARG A 454 -49.04 21.99 15.98
CA ARG A 454 -49.19 20.66 16.56
C ARG A 454 -49.17 19.63 15.44
N PRO A 455 -48.26 18.64 15.48
CA PRO A 455 -48.27 17.62 14.43
C PRO A 455 -49.59 16.85 14.43
N ALA A 456 -50.03 16.49 13.22
CA ALA A 456 -51.29 15.78 13.07
C ALA A 456 -51.20 14.38 13.67
N GLY A 457 -52.32 13.93 14.24
CA GLY A 457 -52.34 12.60 14.83
C GLY A 457 -52.01 11.53 13.81
N GLN A 458 -51.16 10.60 14.21
CA GLN A 458 -50.74 9.53 13.32
C GLN A 458 -51.82 8.45 13.24
N SER A 459 -51.71 7.61 12.22
CA SER A 459 -52.62 6.47 12.05
C SER A 459 -52.44 5.52 13.23
N THR A 460 -53.55 4.94 13.70
CA THR A 460 -53.52 4.10 14.89
C THR A 460 -53.56 2.63 14.54
N ASN A 461 -53.10 2.26 13.35
CA ASN A 461 -53.07 0.86 12.96
C ASN A 461 -52.02 0.12 13.77
N ALA A 462 -52.41 -1.02 14.35
CA ALA A 462 -51.51 -1.83 15.15
C ALA A 462 -51.12 -3.14 14.48
N GLN A 463 -51.57 -3.37 13.25
CA GLN A 463 -51.23 -4.60 12.55
C GLN A 463 -49.75 -4.64 12.20
N THR A 464 -49.21 -5.84 12.09
CA THR A 464 -47.86 -6.00 11.58
C THR A 464 -47.85 -5.70 10.08
N PRO A 465 -47.02 -4.77 9.60
CA PRO A 465 -47.10 -4.35 8.20
C PRO A 465 -46.85 -5.52 7.25
N MET A 466 -47.80 -5.74 6.33
CA MET A 466 -47.67 -6.81 5.37
C MET A 466 -46.60 -6.47 4.33
N SER A 467 -46.03 -7.52 3.72
CA SER A 467 -44.87 -7.33 2.86
C SER A 467 -45.24 -6.82 1.48
N SER A 468 -46.20 -7.48 0.82
CA SER A 468 -46.56 -7.11 -0.54
C SER A 468 -47.99 -7.55 -0.81
N SER A 469 -48.58 -6.97 -1.85
CA SER A 469 -49.96 -7.27 -2.20
C SER A 469 -50.11 -8.73 -2.61
N ALA A 470 -51.22 -9.34 -2.20
CA ALA A 470 -51.48 -10.73 -2.54
C ALA A 470 -51.93 -10.90 -3.99
N VAL A 471 -52.56 -9.88 -4.56
CA VAL A 471 -53.14 -9.99 -5.89
C VAL A 471 -52.00 -10.13 -6.90
N GLY A 472 -51.88 -11.33 -7.47
CA GLY A 472 -50.89 -11.56 -8.50
C GLY A 472 -51.21 -12.84 -9.26
N VAL A 473 -51.20 -12.75 -10.58
CA VAL A 473 -51.49 -13.89 -11.42
C VAL A 473 -50.46 -14.00 -12.54
N ASN B 3 -36.62 -49.52 -6.67
CA ASN B 3 -35.48 -48.63 -6.44
C ASN B 3 -34.20 -49.46 -6.28
N GLN B 4 -33.11 -48.97 -6.87
CA GLN B 4 -31.83 -49.66 -6.85
C GLN B 4 -30.86 -48.93 -5.93
N SER B 5 -29.94 -49.69 -5.34
CA SER B 5 -28.92 -49.10 -4.48
C SER B 5 -27.98 -48.25 -5.31
N LYS B 6 -27.56 -47.11 -4.73
CA LYS B 6 -26.70 -46.16 -5.39
C LYS B 6 -25.37 -46.07 -4.67
N ILE B 7 -24.29 -45.91 -5.44
CA ILE B 7 -22.96 -45.73 -4.88
C ILE B 7 -22.82 -44.27 -4.49
N LEU B 8 -22.49 -44.02 -3.21
CA LEU B 8 -22.46 -42.66 -2.70
C LEU B 8 -21.32 -41.84 -3.27
N THR B 9 -20.31 -42.49 -3.86
CA THR B 9 -19.17 -41.77 -4.41
C THR B 9 -18.60 -42.55 -5.58
N LEU B 10 -17.82 -41.86 -6.42
CA LEU B 10 -17.14 -42.50 -7.53
C LEU B 10 -15.78 -43.04 -7.11
N GLN B 11 -14.99 -42.24 -6.42
CA GLN B 11 -13.71 -42.68 -5.90
C GLN B 11 -13.91 -43.41 -4.57
N ALA B 12 -12.82 -43.91 -4.00
CA ALA B 12 -12.84 -44.63 -2.74
C ALA B 12 -12.09 -43.82 -1.68
N TYR B 13 -12.68 -43.75 -0.49
CA TYR B 13 -12.07 -43.02 0.62
C TYR B 13 -10.73 -43.66 0.97
N ASP B 14 -9.64 -42.94 0.70
CA ASP B 14 -8.30 -43.44 0.95
C ASP B 14 -7.69 -42.68 2.13
N PRO B 15 -7.43 -43.32 3.27
CA PRO B 15 -6.88 -42.57 4.40
C PRO B 15 -5.54 -41.90 4.10
N ALA B 16 -4.72 -42.49 3.23
CA ALA B 16 -3.43 -41.90 2.91
C ALA B 16 -3.57 -40.55 2.22
N LYS B 17 -4.71 -40.28 1.59
CA LYS B 17 -4.91 -39.01 0.90
C LYS B 17 -5.21 -37.86 1.85
N VAL B 18 -5.51 -38.14 3.12
CA VAL B 18 -5.74 -37.08 4.08
C VAL B 18 -4.40 -36.47 4.47
N LEU B 19 -4.22 -35.19 4.18
CA LEU B 19 -2.97 -34.48 4.40
C LEU B 19 -3.12 -33.52 5.57
N VAL B 20 -2.17 -33.56 6.50
CA VAL B 20 -2.14 -32.65 7.64
C VAL B 20 -0.86 -31.84 7.53
N PHE B 21 -1.00 -30.51 7.49
CA PHE B 21 0.12 -29.58 7.37
C PHE B 21 0.16 -28.71 8.61
N ILE B 22 1.17 -28.91 9.45
CA ILE B 22 1.35 -28.14 10.67
C ILE B 22 2.61 -27.29 10.47
N GLY B 23 2.40 -26.01 10.21
CA GLY B 23 3.51 -25.09 10.01
C GLY B 23 4.13 -25.14 8.63
N GLY B 24 3.55 -25.90 7.70
CA GLY B 24 4.09 -26.02 6.36
C GLY B 24 4.77 -27.33 6.05
N GLN B 25 4.71 -28.31 6.94
CA GLN B 25 5.31 -29.61 6.73
C GLN B 25 4.26 -30.69 6.94
N ARG B 26 4.35 -31.76 6.14
CA ARG B 26 3.40 -32.86 6.23
C ARG B 26 3.75 -33.76 7.41
N VAL B 27 2.72 -34.13 8.17
CA VAL B 27 2.90 -35.03 9.31
C VAL B 27 2.88 -36.47 8.83
N SER B 28 3.72 -37.31 9.43
CA SER B 28 3.81 -38.71 9.07
C SER B 28 4.03 -39.55 10.31
N GLY B 29 3.69 -40.83 10.22
CA GLY B 29 3.83 -41.74 11.33
C GLY B 29 2.63 -41.72 12.25
N PHE B 30 1.45 -42.00 11.71
CA PHE B 30 0.22 -41.95 12.45
C PHE B 30 -0.05 -43.26 13.19
N ALA B 31 -1.09 -43.25 14.02
CA ALA B 31 -1.44 -44.41 14.82
C ALA B 31 -2.21 -45.41 13.95
N ALA B 32 -2.80 -46.42 14.59
CA ALA B 32 -3.44 -47.50 13.85
C ALA B 32 -4.87 -47.14 13.45
N ASP B 33 -5.74 -46.89 14.41
CA ASP B 33 -7.17 -46.78 14.14
C ASP B 33 -7.56 -45.41 13.60
N THR B 34 -7.35 -44.36 14.39
CA THR B 34 -7.84 -43.04 14.07
C THR B 34 -6.67 -42.07 13.96
N LYS B 35 -6.68 -41.25 12.91
CA LYS B 35 -5.62 -40.27 12.70
C LYS B 35 -5.89 -38.99 13.47
N ILE B 36 -7.03 -38.35 13.21
CA ILE B 36 -7.36 -37.06 13.80
C ILE B 36 -8.84 -37.02 14.13
N VAL B 37 -9.17 -36.30 15.21
CA VAL B 37 -10.54 -36.08 15.62
C VAL B 37 -10.71 -34.59 15.92
N ILE B 38 -11.78 -33.99 15.40
CA ILE B 38 -12.07 -32.58 15.57
C ILE B 38 -13.42 -32.43 16.25
N THR B 39 -13.46 -31.67 17.33
CA THR B 39 -14.68 -31.48 18.12
C THR B 39 -14.81 -30.03 18.52
N ARG B 40 -16.04 -29.52 18.50
CA ARG B 40 -16.33 -28.18 18.98
C ARG B 40 -16.50 -28.18 20.49
N ASN B 41 -16.09 -27.08 21.12
CA ASN B 41 -16.14 -27.00 22.58
C ASN B 41 -17.56 -26.72 23.08
N ASN B 42 -18.33 -25.92 22.35
CA ASN B 42 -19.63 -25.46 22.81
C ASN B 42 -20.66 -25.60 21.71
N ASP B 43 -21.93 -25.64 22.12
CA ASP B 43 -23.03 -25.76 21.18
C ASP B 43 -23.12 -24.52 20.31
N ASN B 44 -23.64 -24.71 19.08
CA ASN B 44 -23.73 -23.61 18.14
C ASN B 44 -24.78 -22.59 18.57
N ILE B 45 -25.97 -23.06 18.95
CA ILE B 45 -27.10 -22.20 19.27
C ILE B 45 -27.70 -22.64 20.60
N SER B 46 -27.95 -21.66 21.47
CA SER B 46 -28.64 -21.91 22.73
C SER B 46 -30.12 -21.58 22.59
N VAL B 47 -30.93 -22.18 23.45
CA VAL B 47 -32.38 -22.03 23.41
C VAL B 47 -32.87 -21.63 24.79
N HIS B 48 -33.69 -20.59 24.84
CA HIS B 48 -34.35 -20.14 26.07
C HIS B 48 -35.85 -20.36 25.91
N ALA B 49 -36.42 -21.18 26.80
CA ALA B 49 -37.83 -21.54 26.75
C ALA B 49 -38.56 -20.89 27.91
N GLY B 50 -39.59 -20.11 27.61
CA GLY B 50 -40.38 -19.47 28.66
C GLY B 50 -41.44 -20.39 29.21
N VAL B 51 -42.06 -19.92 30.30
CA VAL B 51 -43.14 -20.68 30.92
C VAL B 51 -44.33 -20.80 29.97
N ASP B 52 -44.69 -19.69 29.31
CA ASP B 52 -45.83 -19.71 28.40
C ASP B 52 -45.56 -20.51 27.14
N GLY B 53 -44.30 -20.77 26.82
CA GLY B 53 -43.94 -21.51 25.63
C GLY B 53 -43.16 -20.71 24.59
N GLU B 54 -42.99 -19.41 24.82
CA GLU B 54 -42.22 -18.60 23.87
C GLU B 54 -40.78 -19.09 23.82
N ILE B 55 -40.23 -19.13 22.60
CA ILE B 55 -38.88 -19.65 22.36
C ILE B 55 -38.04 -18.55 21.72
N SER B 56 -36.86 -18.32 22.28
CA SER B 56 -35.89 -17.40 21.71
C SER B 56 -34.51 -18.06 21.77
N ASN B 57 -33.68 -17.75 20.78
CA ASN B 57 -32.36 -18.37 20.65
C ASN B 57 -31.31 -17.30 20.43
N ALA B 58 -30.09 -17.61 20.86
CA ALA B 58 -28.95 -16.71 20.71
C ALA B 58 -27.76 -17.49 20.17
N LEU B 59 -27.07 -16.90 19.19
CA LEU B 59 -25.93 -17.55 18.59
C LEU B 59 -24.75 -17.59 19.56
N SER B 60 -23.84 -18.53 19.32
CA SER B 60 -22.63 -18.69 20.12
C SER B 60 -21.42 -18.30 19.28
N ARG B 61 -20.59 -17.42 19.83
CA ARG B 61 -19.41 -16.91 19.13
C ARG B 61 -18.12 -17.59 19.58
N ASP B 62 -18.21 -18.65 20.38
CA ASP B 62 -17.03 -19.37 20.85
C ASP B 62 -16.77 -20.51 19.88
N ASN B 63 -15.78 -20.33 19.02
CA ASN B 63 -15.44 -21.31 17.99
C ASN B 63 -14.21 -22.14 18.33
N THR B 64 -13.67 -22.00 19.54
CA THR B 64 -12.49 -22.77 19.91
C THR B 64 -12.82 -24.25 19.91
N GLY B 65 -11.83 -25.06 19.51
CA GLY B 65 -12.00 -26.50 19.44
C GLY B 65 -10.70 -27.20 19.76
N VAL B 66 -10.77 -28.53 19.78
CA VAL B 66 -9.63 -29.38 20.09
C VAL B 66 -9.47 -30.39 18.98
N MET B 67 -8.24 -30.56 18.50
CA MET B 67 -7.91 -31.48 17.41
C MET B 67 -6.97 -32.54 17.96
N THR B 68 -7.51 -33.72 18.25
CA THR B 68 -6.68 -34.83 18.69
C THR B 68 -5.80 -35.32 17.54
N LEU B 69 -4.58 -35.74 17.88
CA LEU B 69 -3.61 -36.19 16.91
C LEU B 69 -2.85 -37.37 17.48
N SER B 70 -2.98 -38.53 16.84
CA SER B 70 -2.38 -39.76 17.34
C SER B 70 -1.12 -40.09 16.53
N LEU B 71 -0.01 -40.29 17.22
CA LEU B 71 1.25 -40.65 16.59
C LEU B 71 1.90 -41.79 17.37
N GLN B 72 2.61 -42.64 16.65
CA GLN B 72 3.39 -43.69 17.29
C GLN B 72 4.57 -43.06 18.05
N ASN B 73 4.89 -43.65 19.20
CA ASN B 73 5.97 -43.10 20.01
C ASN B 73 7.32 -43.20 19.32
N THR B 74 7.43 -44.02 18.27
CA THR B 74 8.66 -44.12 17.49
C THR B 74 8.72 -43.09 16.36
N ALA B 75 7.63 -42.37 16.10
CA ALA B 75 7.62 -41.38 15.03
C ALA B 75 8.55 -40.22 15.37
N LYS B 76 9.19 -39.68 14.34
CA LYS B 76 10.13 -38.58 14.52
C LYS B 76 9.43 -37.27 14.88
N TRP B 77 8.14 -37.13 14.53
CA TRP B 77 7.44 -35.89 14.80
C TRP B 77 7.25 -35.64 16.30
N ASN B 78 7.42 -36.66 17.14
CA ASN B 78 7.35 -36.44 18.58
C ASN B 78 8.44 -35.47 19.02
N GLY B 79 9.64 -35.60 18.45
CA GLY B 79 10.72 -34.70 18.80
C GLY B 79 10.45 -33.27 18.37
N TYR B 80 9.92 -33.09 17.15
CA TYR B 80 9.64 -31.75 16.66
C TYR B 80 8.68 -31.01 17.59
N LEU B 81 7.56 -31.65 17.93
CA LEU B 81 6.57 -31.01 18.80
C LEU B 81 7.15 -30.76 20.19
N ALA B 82 7.91 -31.73 20.72
CA ALA B 82 8.48 -31.54 22.04
C ALA B 82 9.43 -30.35 22.08
N GLN B 83 10.28 -30.22 21.07
CA GLN B 83 11.21 -29.09 21.03
C GLN B 83 10.45 -27.77 20.83
N TRP B 84 9.44 -27.78 19.96
CA TRP B 84 8.67 -26.56 19.72
C TRP B 84 7.95 -26.12 20.98
N GLN B 85 7.54 -27.08 21.82
CA GLN B 85 6.87 -26.73 23.08
C GLN B 85 7.77 -25.84 23.93
N ARG B 86 9.01 -26.27 24.17
CA ARG B 86 9.94 -25.48 24.97
C ARG B 86 10.35 -24.20 24.24
N GLN B 87 10.50 -24.24 22.92
CA GLN B 87 10.85 -23.02 22.19
C GLN B 87 9.78 -21.96 22.36
N ALA B 88 8.50 -22.35 22.25
CA ALA B 88 7.41 -21.41 22.47
C ALA B 88 7.36 -20.97 23.92
N ASN B 89 7.59 -21.88 24.86
CA ASN B 89 7.57 -21.51 26.27
C ASN B 89 8.60 -20.43 26.56
N VAL B 90 9.79 -20.55 25.98
CA VAL B 90 10.84 -19.58 26.24
C VAL B 90 10.58 -18.28 25.49
N THR B 91 10.41 -18.36 24.17
CA THR B 91 10.29 -17.15 23.36
C THR B 91 8.93 -16.47 23.54
N GLY B 92 7.87 -17.25 23.78
CA GLY B 92 6.54 -16.70 24.00
C GLY B 92 5.61 -16.75 22.81
N LEU B 93 6.04 -17.31 21.69
CA LEU B 93 5.21 -17.44 20.50
C LEU B 93 4.69 -18.88 20.41
N ILE B 94 3.38 -19.04 20.45
CA ILE B 94 2.77 -20.36 20.49
C ILE B 94 1.93 -20.67 19.27
N TYR B 95 1.52 -19.67 18.49
CA TYR B 95 0.61 -19.90 17.39
C TYR B 95 1.37 -20.35 16.14
N LEU B 96 0.70 -21.19 15.35
CA LEU B 96 1.26 -21.67 14.09
C LEU B 96 0.11 -22.16 13.22
N PRO B 97 0.22 -22.04 11.90
CA PRO B 97 -0.90 -22.44 11.04
C PRO B 97 -1.15 -23.94 11.07
N VAL B 98 -2.41 -24.31 10.88
CA VAL B 98 -2.84 -25.70 10.83
C VAL B 98 -3.77 -25.87 9.64
N GLN B 99 -3.58 -26.96 8.89
CA GLN B 99 -4.38 -27.22 7.71
C GLN B 99 -4.63 -28.71 7.59
N VAL B 100 -5.85 -29.07 7.19
CA VAL B 100 -6.26 -30.45 6.99
C VAL B 100 -7.00 -30.55 5.67
N GLU B 101 -6.63 -31.54 4.86
CA GLU B 101 -7.26 -31.78 3.56
C GLU B 101 -8.00 -33.11 3.63
N GLY B 102 -9.32 -33.06 3.37
CA GLY B 102 -10.10 -34.28 3.37
C GLY B 102 -10.02 -35.01 2.04
N SER B 103 -10.17 -36.33 2.11
CA SER B 103 -10.16 -37.15 0.89
C SER B 103 -11.51 -37.14 0.20
N GLN B 104 -12.57 -37.46 0.94
CA GLN B 104 -13.94 -37.43 0.44
C GLN B 104 -14.86 -36.80 1.47
N GLY B 105 -14.34 -35.82 2.21
CA GLY B 105 -15.12 -35.17 3.24
C GLY B 105 -14.77 -33.71 3.41
N LEU B 106 -15.06 -33.15 4.58
CA LEU B 106 -14.82 -31.75 4.84
C LEU B 106 -13.34 -31.51 5.13
N SER B 107 -12.96 -30.23 5.14
CA SER B 107 -11.58 -29.84 5.39
C SER B 107 -11.49 -28.84 6.52
N LEU B 108 -10.30 -28.30 6.77
CA LEU B 108 -10.10 -27.33 7.84
C LEU B 108 -8.82 -26.55 7.57
N ASN B 109 -8.85 -25.25 7.86
CA ASN B 109 -7.67 -24.39 7.66
C ASN B 109 -7.80 -23.21 8.61
N THR B 110 -7.07 -23.26 9.72
CA THR B 110 -7.11 -22.21 10.73
C THR B 110 -5.78 -22.18 11.46
N ILE B 111 -5.72 -21.39 12.54
CA ILE B 111 -4.54 -21.30 13.38
C ILE B 111 -4.75 -22.19 14.59
N GLY B 112 -3.65 -22.72 15.14
CA GLY B 112 -3.73 -23.64 16.25
C GLY B 112 -2.49 -23.58 17.11
N TRP B 113 -2.54 -24.33 18.21
CA TRP B 113 -1.45 -24.37 19.18
C TRP B 113 -1.52 -25.70 19.93
N ILE B 114 -0.42 -26.03 20.59
CA ILE B 114 -0.35 -27.26 21.37
C ILE B 114 -0.92 -26.99 22.76
N GLN B 115 -1.94 -27.77 23.13
CA GLN B 115 -2.66 -27.57 24.38
C GLN B 115 -2.17 -28.47 25.50
N LYS B 116 -1.97 -29.77 25.21
CA LYS B 116 -1.55 -30.72 26.21
C LYS B 116 -0.66 -31.77 25.57
N GLN B 117 0.41 -32.15 26.27
CA GLN B 117 1.27 -33.22 25.78
C GLN B 117 0.73 -34.57 26.24
N PRO B 118 0.63 -35.56 25.36
CA PRO B 118 0.06 -36.84 25.78
C PRO B 118 1.00 -37.60 26.70
N ASP B 119 0.42 -38.50 27.48
CA ASP B 119 1.21 -39.36 28.36
C ASP B 119 2.04 -40.34 27.55
N LEU B 120 3.16 -40.76 28.13
CA LEU B 120 4.06 -41.72 27.52
C LEU B 120 4.07 -43.00 28.35
N SER B 121 3.88 -44.14 27.67
CA SER B 121 3.89 -45.44 28.32
C SER B 121 4.72 -46.41 27.50
N TYR B 122 5.58 -47.17 28.18
CA TYR B 122 6.42 -48.17 27.55
C TYR B 122 5.93 -49.56 27.96
N GLY B 123 5.71 -50.41 26.97
CA GLY B 123 5.20 -51.75 27.23
C GLY B 123 5.70 -52.78 26.25
N THR B 124 5.01 -53.92 26.19
CA THR B 124 5.44 -54.99 25.29
C THR B 124 5.37 -54.55 23.83
N GLU B 125 4.30 -53.85 23.47
CA GLU B 125 4.09 -53.39 22.10
C GLU B 125 4.41 -51.91 21.98
N VAL B 126 4.47 -51.44 20.73
CA VAL B 126 4.80 -50.04 20.47
C VAL B 126 3.68 -49.16 21.03
N GLY B 127 4.08 -48.12 21.76
CA GLY B 127 3.13 -47.24 22.39
C GLY B 127 2.52 -46.23 21.42
N GLN B 128 1.56 -45.47 21.93
CA GLN B 128 0.86 -44.46 21.16
C GLN B 128 0.76 -43.18 21.96
N MET B 129 0.81 -42.05 21.26
CA MET B 129 0.71 -40.73 21.86
C MET B 129 -0.37 -39.93 21.14
N ASP B 130 -1.27 -39.33 21.90
CA ASP B 130 -2.42 -38.61 21.36
C ASP B 130 -2.26 -37.13 21.69
N TRP B 131 -1.53 -36.40 20.85
CA TRP B 131 -1.36 -34.98 21.04
C TRP B 131 -2.68 -34.24 20.84
N GLU B 132 -2.86 -33.16 21.60
CA GLU B 132 -4.03 -32.29 21.49
C GLU B 132 -3.59 -30.95 20.96
N ILE B 133 -4.17 -30.54 19.83
CA ILE B 133 -3.83 -29.29 19.17
C ILE B 133 -5.08 -28.42 19.17
N GLY B 134 -4.98 -27.22 19.75
CA GLY B 134 -6.08 -26.29 19.71
C GLY B 134 -6.26 -25.67 18.34
N VAL B 135 -7.46 -25.14 18.10
CA VAL B 135 -7.79 -24.47 16.85
C VAL B 135 -8.58 -23.22 17.18
N LEU B 136 -8.19 -22.10 16.55
CA LEU B 136 -8.90 -20.85 16.79
C LEU B 136 -10.36 -20.94 16.37
N ASP B 137 -10.61 -21.55 15.20
CA ASP B 137 -11.97 -21.75 14.70
C ASP B 137 -12.08 -23.19 14.24
N ALA B 138 -13.15 -23.86 14.65
CA ALA B 138 -13.36 -25.27 14.36
C ALA B 138 -14.52 -25.47 13.39
N TRP B 139 -14.61 -24.60 12.38
CA TRP B 139 -15.64 -24.69 11.35
C TRP B 139 -15.11 -25.52 10.20
N LEU B 140 -15.67 -26.71 10.01
CA LEU B 140 -15.24 -27.58 8.92
C LEU B 140 -15.83 -27.06 7.60
N SER B 141 -14.96 -26.71 6.66
CA SER B 141 -15.42 -26.13 5.41
C SER B 141 -15.45 -27.16 4.30
N PRO B 142 -16.39 -27.06 3.35
CA PRO B 142 -16.43 -28.01 2.25
C PRO B 142 -15.47 -27.63 1.13
N ASP B 143 -15.16 -28.62 0.29
CA ASP B 143 -14.33 -28.44 -0.88
C ASP B 143 -14.94 -29.18 -2.07
N GLN B 144 -16.25 -29.04 -2.24
CA GLN B 144 -16.99 -29.80 -3.25
C GLN B 144 -17.83 -28.88 -4.11
N ILE B 145 -18.73 -29.45 -4.91
CA ILE B 145 -19.59 -28.67 -5.80
C ILE B 145 -20.69 -27.98 -5.00
N GLN B 146 -20.69 -28.17 -3.68
CA GLN B 146 -21.67 -27.52 -2.84
C GLN B 146 -21.59 -26.00 -2.99
N GLY B 147 -22.76 -25.36 -3.00
CA GLY B 147 -22.83 -23.92 -3.17
C GLY B 147 -23.98 -23.51 -4.06
N ILE B 148 -24.36 -24.38 -5.00
CA ILE B 148 -25.49 -24.10 -5.88
C ILE B 148 -26.81 -24.49 -5.25
N ALA B 149 -26.80 -25.30 -4.19
CA ALA B 149 -28.02 -25.72 -3.51
C ALA B 149 -28.27 -24.99 -2.20
N ALA B 150 -27.24 -24.36 -1.60
CA ALA B 150 -27.45 -23.63 -0.37
C ALA B 150 -28.45 -22.50 -0.55
N GLY B 151 -28.63 -22.03 -1.78
CA GLY B 151 -29.62 -21.00 -2.06
C GLY B 151 -30.96 -21.58 -2.44
N ILE B 152 -31.17 -22.86 -2.13
CA ILE B 152 -32.41 -23.56 -2.43
C ILE B 152 -33.08 -24.04 -1.14
N THR B 153 -32.31 -24.60 -0.21
CA THR B 153 -32.89 -25.06 1.04
C THR B 153 -33.52 -23.93 1.83
N GLY B 154 -33.10 -22.69 1.58
CA GLY B 154 -33.60 -21.55 2.32
C GLY B 154 -35.10 -21.41 2.25
N LEU B 155 -35.74 -21.25 3.41
CA LEU B 155 -37.18 -21.06 3.49
C LEU B 155 -37.49 -20.35 4.79
N LEU B 156 -38.70 -19.80 4.87
CA LEU B 156 -39.14 -19.07 6.05
C LEU B 156 -38.21 -17.89 6.32
#